data_4KM3
#
_entry.id   4KM3
#
_cell.length_a   109.687
_cell.length_b   109.687
_cell.length_c   164.424
_cell.angle_alpha   90.00
_cell.angle_beta   90.00
_cell.angle_gamma   120.00
#
_symmetry.space_group_name_H-M   'P 65'
#
loop_
_entity.id
_entity.type
_entity.pdbx_description
1 polymer 'Methionine aminopeptidase'
2 water water
#
_entity_poly.entity_id   1
_entity_poly.type   'polypeptide(L)'
_entity_poly.pdbx_seq_one_letter_code
;MITLKSAREIEAMDKAGDFLASIHIGLRDLIKPGVDMWEVEEYVRRRCKEENFLPLQIGVDGAMMDYPYATCCSLNDEVA
HAFPRHYILKDGDLLKVDMVLGGPIAKSDLNVSKLNFNNVEQMKKYTQSYSGGLADSCWAYAVGTPSEEVKNLMDITKEA
MYKGIEQAVVGNRIGDIGAAIQEYAESRGYGVVRDLVGHGVGPTMHEEPMVPNYGIAGRGLRLREGMVLTIEPMINTGDW
EIDTDMKTGWAHKTIDGGLSCQYEHQFVITKDGPVILTSQGEEGTY
;
_entity_poly.pdbx_strand_id   A,B
#
# COMPACT_ATOMS: atom_id res chain seq x y z
N MET A 1 -8.02 -1.31 9.19
CA MET A 1 -7.49 0.08 9.35
C MET A 1 -6.08 0.08 9.96
N ILE A 2 -5.23 1.01 9.52
CA ILE A 2 -3.83 1.08 9.99
C ILE A 2 -3.65 2.02 11.18
N THR A 3 -4.15 1.55 12.32
CA THR A 3 -4.06 2.25 13.58
C THR A 3 -3.26 1.36 14.54
N LEU A 4 -3.35 1.63 15.84
CA LEU A 4 -2.82 0.74 16.89
C LEU A 4 -3.97 -0.14 17.38
N LYS A 5 -3.75 -0.88 18.46
CA LYS A 5 -4.74 -1.86 18.97
C LYS A 5 -5.01 -1.75 20.49
N SER A 6 -5.72 -2.74 21.03
CA SER A 6 -5.77 -3.01 22.48
C SER A 6 -4.75 -4.10 22.81
N ALA A 7 -4.57 -4.36 24.10
CA ALA A 7 -3.57 -5.32 24.59
C ALA A 7 -4.12 -6.74 24.55
N ARG A 8 -5.41 -6.86 24.90
CA ARG A 8 -6.13 -8.12 24.77
C ARG A 8 -6.49 -8.39 23.31
N GLU A 9 -6.64 -7.30 22.55
CA GLU A 9 -6.92 -7.39 21.12
C GLU A 9 -5.77 -8.07 20.41
N ILE A 10 -4.55 -7.69 20.76
CA ILE A 10 -3.38 -8.44 20.35
C ILE A 10 -3.58 -9.91 20.69
N GLU A 11 -3.93 -10.15 21.95
CA GLU A 11 -4.03 -11.51 22.48
C GLU A 11 -4.82 -12.40 21.52
N ALA A 12 -6.01 -11.90 21.18
CA ALA A 12 -7.01 -12.63 20.40
C ALA A 12 -6.40 -13.23 19.17
N MET A 13 -5.53 -12.45 18.54
CA MET A 13 -4.89 -12.86 17.32
C MET A 13 -3.93 -14.00 17.59
N ASP A 14 -3.04 -13.89 18.58
CA ASP A 14 -2.14 -15.00 18.85
C ASP A 14 -2.94 -16.27 19.08
N LYS A 15 -3.99 -16.16 19.89
CA LYS A 15 -4.87 -17.29 20.16
C LYS A 15 -5.53 -17.77 18.88
N ALA A 16 -5.92 -16.82 18.04
CA ALA A 16 -6.49 -17.11 16.72
C ALA A 16 -5.45 -17.58 15.71
N GLY A 17 -4.19 -17.29 16.00
CA GLY A 17 -3.09 -17.72 15.17
C GLY A 17 -2.52 -19.02 15.67
N ASP A 18 -2.68 -19.27 16.96
CA ASP A 18 -2.34 -20.58 17.53
C ASP A 18 -3.04 -21.65 16.69
N PHE A 19 -4.32 -21.43 16.42
CA PHE A 19 -5.14 -22.42 15.70
C PHE A 19 -4.75 -22.64 14.23
N LEU A 20 -4.50 -21.53 13.53
CA LEU A 20 -4.17 -21.55 12.09
C LEU A 20 -2.81 -22.24 11.87
N ALA A 21 -1.87 -21.99 12.79
CA ALA A 21 -0.56 -22.65 12.79
C ALA A 21 -0.68 -24.16 12.90
N SER A 22 -1.48 -24.57 13.89
CA SER A 22 -1.80 -25.97 14.11
C SER A 22 -2.34 -26.63 12.85
N ILE A 23 -3.27 -25.96 12.18
CA ILE A 23 -3.70 -26.49 10.91
C ILE A 23 -2.48 -26.73 10.06
N HIS A 24 -1.68 -25.70 9.90
CA HIS A 24 -0.60 -25.76 8.95
C HIS A 24 0.29 -26.96 9.26
N ILE A 25 0.49 -27.24 10.54
CA ILE A 25 1.31 -28.40 10.92
C ILE A 25 0.57 -29.66 10.54
N GLY A 26 -0.69 -29.77 10.95
CA GLY A 26 -1.53 -30.87 10.50
C GLY A 26 -1.32 -31.18 9.03
N LEU A 27 -1.25 -30.14 8.21
CA LEU A 27 -1.18 -30.34 6.78
C LEU A 27 0.11 -30.96 6.31
N ARG A 28 1.16 -30.91 7.12
CA ARG A 28 2.46 -31.38 6.66
C ARG A 28 2.34 -32.86 6.27
N ASP A 29 1.69 -33.62 7.16
CA ASP A 29 1.35 -35.04 6.94
C ASP A 29 0.42 -35.20 5.76
N LEU A 30 -0.54 -34.30 5.65
CA LEU A 30 -1.56 -34.40 4.62
C LEU A 30 -0.97 -34.31 3.22
N ILE A 31 -0.18 -33.28 2.98
CA ILE A 31 0.23 -32.89 1.63
C ILE A 31 1.31 -33.84 1.07
N LYS A 32 0.87 -35.00 0.60
CA LYS A 32 1.74 -36.01 -0.01
C LYS A 32 1.42 -36.17 -1.49
N PRO A 33 2.31 -36.80 -2.26
CA PRO A 33 1.94 -37.09 -3.63
C PRO A 33 0.90 -38.18 -3.64
N GLY A 34 0.09 -38.24 -4.70
CA GLY A 34 -1.05 -39.15 -4.76
C GLY A 34 -2.30 -38.69 -4.03
N VAL A 35 -2.19 -37.65 -3.20
CA VAL A 35 -3.37 -37.09 -2.47
C VAL A 35 -4.15 -36.03 -3.30
N ASP A 36 -5.48 -36.08 -3.21
CA ASP A 36 -6.32 -35.11 -3.91
C ASP A 36 -6.32 -33.77 -3.16
N MET A 37 -5.93 -32.71 -3.86
CA MET A 37 -5.79 -31.38 -3.26
C MET A 37 -7.04 -30.97 -2.46
N TRP A 38 -8.20 -31.35 -2.95
CA TRP A 38 -9.41 -30.98 -2.29
C TRP A 38 -9.45 -31.34 -0.82
N GLU A 39 -8.65 -32.32 -0.42
CA GLU A 39 -8.56 -32.71 0.97
C GLU A 39 -8.22 -31.54 1.91
N VAL A 40 -7.43 -30.61 1.37
CA VAL A 40 -6.86 -29.51 2.16
C VAL A 40 -7.98 -28.60 2.62
N GLU A 41 -8.90 -28.31 1.70
CA GLU A 41 -10.13 -27.64 2.07
C GLU A 41 -10.92 -28.44 3.11
N GLU A 42 -11.32 -29.67 2.76
CA GLU A 42 -12.23 -30.44 3.61
C GLU A 42 -11.65 -30.55 4.98
N TYR A 43 -10.33 -30.71 5.02
CA TYR A 43 -9.63 -30.81 6.28
C TYR A 43 -9.86 -29.53 7.04
N VAL A 44 -9.57 -28.41 6.38
CA VAL A 44 -9.64 -27.12 7.05
C VAL A 44 -11.07 -26.84 7.48
N ARG A 45 -12.00 -27.10 6.56
CA ARG A 45 -13.41 -27.09 6.91
C ARG A 45 -13.63 -27.87 8.20
N ARG A 46 -13.16 -29.12 8.21
CA ARG A 46 -13.37 -30.02 9.33
C ARG A 46 -12.93 -29.40 10.65
N ARG A 47 -11.68 -28.96 10.71
CA ARG A 47 -11.11 -28.39 11.95
C ARG A 47 -11.73 -27.05 12.31
N CYS A 48 -12.39 -26.40 11.35
CA CYS A 48 -13.07 -25.15 11.62
C CYS A 48 -14.35 -25.37 12.38
N LYS A 49 -14.86 -26.59 12.28
CA LYS A 49 -16.10 -26.94 12.93
C LYS A 49 -15.81 -27.41 14.34
N GLU A 50 -14.77 -28.22 14.49
CA GLU A 50 -14.44 -28.84 15.78
C GLU A 50 -14.08 -27.85 16.89
N GLU A 51 -13.44 -26.74 16.54
CA GLU A 51 -13.48 -25.56 17.40
C GLU A 51 -14.24 -24.56 16.57
N ASN A 52 -14.97 -23.69 17.24
CA ASN A 52 -15.69 -22.69 16.50
C ASN A 52 -14.72 -21.69 15.89
N PHE A 53 -14.39 -21.93 14.63
CA PHE A 53 -13.61 -20.99 13.84
C PHE A 53 -14.20 -20.87 12.45
N LEU A 54 -14.70 -19.68 12.12
CA LEU A 54 -15.31 -19.44 10.81
C LEU A 54 -14.23 -19.25 9.76
N PRO A 55 -14.40 -19.85 8.57
CA PRO A 55 -13.44 -19.61 7.50
C PRO A 55 -13.91 -18.41 6.71
N LEU A 56 -13.21 -17.30 6.89
CA LEU A 56 -13.75 -15.99 6.56
C LEU A 56 -13.67 -15.69 5.06
N GLN A 57 -12.71 -16.31 4.39
CA GLN A 57 -12.63 -16.26 2.93
C GLN A 57 -13.92 -16.64 2.17
N ILE A 58 -14.83 -17.41 2.78
CA ILE A 58 -16.09 -17.75 2.09
C ILE A 58 -17.03 -16.55 2.24
N GLY A 59 -17.48 -16.00 1.13
CA GLY A 59 -18.35 -14.84 1.19
C GLY A 59 -17.70 -13.48 0.99
N VAL A 60 -16.39 -13.38 1.16
CA VAL A 60 -15.70 -12.12 0.81
C VAL A 60 -16.07 -11.72 -0.61
N ASP A 61 -16.46 -10.45 -0.78
CA ASP A 61 -17.04 -9.99 -2.05
C ASP A 61 -16.02 -9.93 -3.18
N GLY A 62 -16.51 -10.08 -4.41
CA GLY A 62 -15.68 -9.93 -5.59
C GLY A 62 -16.54 -9.67 -6.82
N ALA A 63 -15.89 -9.37 -7.94
CA ALA A 63 -16.61 -9.02 -9.16
C ALA A 63 -17.36 -10.22 -9.72
N MET A 64 -16.63 -11.07 -10.46
CA MET A 64 -17.21 -12.22 -11.17
C MET A 64 -17.94 -13.18 -10.22
N MET A 65 -17.44 -13.31 -8.99
CA MET A 65 -18.10 -14.06 -7.93
C MET A 65 -17.37 -13.84 -6.60
N ASP A 66 -18.07 -14.15 -5.52
CA ASP A 66 -17.49 -14.02 -4.18
C ASP A 66 -16.60 -15.22 -3.95
N TYR A 67 -15.63 -15.10 -3.04
CA TYR A 67 -14.75 -16.21 -2.83
C TYR A 67 -15.50 -17.28 -2.05
N PRO A 68 -15.55 -18.53 -2.57
CA PRO A 68 -16.39 -19.58 -2.06
C PRO A 68 -15.70 -20.61 -1.15
N TYR A 69 -14.42 -20.43 -0.84
CA TYR A 69 -13.66 -21.47 -0.14
C TYR A 69 -12.95 -21.02 1.15
N ALA A 70 -12.69 -21.98 2.02
CA ALA A 70 -11.93 -21.74 3.24
C ALA A 70 -10.51 -21.35 2.93
N THR A 71 -9.95 -21.95 1.90
CA THR A 71 -8.56 -21.72 1.51
C THR A 71 -8.37 -21.17 0.12
N CYS A 72 -7.11 -20.85 -0.17
CA CYS A 72 -6.60 -20.65 -1.49
C CYS A 72 -5.58 -21.74 -1.58
N CYS A 73 -5.66 -22.53 -2.64
CA CYS A 73 -4.64 -23.53 -2.90
C CYS A 73 -3.98 -23.14 -4.18
N SER A 74 -2.99 -22.28 -4.04
CA SER A 74 -2.17 -21.87 -5.15
C SER A 74 -1.15 -22.98 -5.38
N LEU A 75 -0.76 -23.16 -6.64
CA LEU A 75 -0.08 -24.33 -7.13
C LEU A 75 0.95 -23.94 -8.19
N ASN A 76 2.24 -24.07 -7.87
CA ASN A 76 3.34 -23.89 -8.84
C ASN A 76 3.43 -22.50 -9.48
N ASP A 77 2.84 -22.35 -10.65
CA ASP A 77 2.88 -21.10 -11.43
C ASP A 77 1.69 -20.22 -11.09
N GLU A 78 0.79 -20.75 -10.29
CA GLU A 78 -0.24 -19.93 -9.71
C GLU A 78 0.35 -19.26 -8.51
N VAL A 79 0.13 -17.96 -8.39
CA VAL A 79 0.80 -17.17 -7.38
C VAL A 79 -0.12 -16.82 -6.20
N ALA A 80 -1.42 -16.61 -6.45
CA ALA A 80 -2.29 -16.27 -5.35
C ALA A 80 -3.75 -16.45 -5.66
N HIS A 81 -4.54 -16.68 -4.62
CA HIS A 81 -6.00 -16.78 -4.75
C HIS A 81 -6.50 -17.75 -5.81
N ALA A 82 -6.00 -18.97 -5.83
CA ALA A 82 -6.61 -20.01 -6.64
C ALA A 82 -7.36 -20.96 -5.73
N PHE A 83 -8.46 -21.53 -6.23
CA PHE A 83 -9.33 -22.37 -5.42
C PHE A 83 -8.74 -23.72 -5.09
N PRO A 84 -9.12 -24.25 -3.94
CA PRO A 84 -8.91 -25.68 -3.76
C PRO A 84 -9.74 -26.43 -4.79
N ARG A 85 -9.26 -27.56 -5.27
CA ARG A 85 -10.08 -28.38 -6.15
C ARG A 85 -9.49 -29.74 -6.26
N HIS A 86 -10.14 -30.60 -7.01
CA HIS A 86 -9.65 -31.94 -7.18
C HIS A 86 -8.51 -31.92 -8.15
N TYR A 87 -7.33 -31.94 -7.57
CA TYR A 87 -6.09 -32.14 -8.27
C TYR A 87 -5.32 -33.14 -7.46
N ILE A 88 -4.83 -34.17 -8.15
CA ILE A 88 -4.04 -35.17 -7.48
C ILE A 88 -2.54 -34.87 -7.63
N LEU A 89 -1.97 -34.66 -6.46
CA LEU A 89 -0.71 -33.99 -6.29
C LEU A 89 0.43 -34.82 -6.84
N LYS A 90 1.13 -34.30 -7.85
CA LYS A 90 2.30 -34.97 -8.38
C LYS A 90 3.44 -34.67 -7.45
N ASP A 91 4.32 -35.63 -7.24
CA ASP A 91 5.58 -35.40 -6.54
C ASP A 91 6.37 -34.29 -7.22
N GLY A 92 6.77 -33.27 -6.45
CA GLY A 92 7.50 -32.11 -6.99
C GLY A 92 6.64 -30.86 -7.22
N ASP A 93 5.33 -30.98 -7.02
CA ASP A 93 4.44 -29.82 -7.09
C ASP A 93 4.69 -28.94 -5.89
N LEU A 94 4.66 -27.63 -6.12
CA LEU A 94 4.80 -26.59 -5.07
C LEU A 94 3.45 -25.96 -4.81
N LEU A 95 2.98 -26.08 -3.57
CA LEU A 95 1.60 -25.81 -3.23
C LEU A 95 1.58 -24.79 -2.13
N LYS A 96 0.87 -23.70 -2.31
CA LYS A 96 0.86 -22.63 -1.31
C LYS A 96 -0.55 -22.48 -0.77
N VAL A 97 -0.70 -22.62 0.55
CA VAL A 97 -1.99 -22.74 1.18
C VAL A 97 -2.26 -21.53 2.03
N ASP A 98 -3.25 -20.73 1.65
CA ASP A 98 -3.57 -19.49 2.37
C ASP A 98 -4.91 -19.57 3.04
N MET A 99 -5.06 -19.02 4.24
CA MET A 99 -6.32 -19.14 4.97
C MET A 99 -6.59 -17.99 5.88
N VAL A 100 -7.86 -17.67 6.09
CA VAL A 100 -8.26 -16.75 7.17
C VAL A 100 -9.39 -17.32 7.97
N LEU A 101 -9.17 -17.33 9.30
CA LEU A 101 -10.03 -17.95 10.30
C LEU A 101 -10.24 -17.04 11.51
N GLY A 102 -11.47 -16.89 11.98
CA GLY A 102 -11.72 -16.01 13.13
C GLY A 102 -12.34 -16.69 14.34
N GLY A 103 -11.89 -16.28 15.52
CA GLY A 103 -12.38 -16.83 16.78
C GLY A 103 -11.32 -16.96 17.85
N PRO A 104 -11.51 -17.90 18.79
CA PRO A 104 -12.57 -18.90 18.83
C PRO A 104 -13.87 -18.28 19.31
N ILE A 105 -14.98 -19.00 19.11
CA ILE A 105 -16.29 -18.40 19.33
C ILE A 105 -17.21 -19.33 20.12
N ALA A 106 -17.72 -18.85 21.24
CA ALA A 106 -18.70 -19.60 22.03
C ALA A 106 -20.05 -19.68 21.28
N LYS A 107 -21.07 -20.25 21.91
CA LYS A 107 -22.22 -20.78 21.19
C LYS A 107 -23.55 -20.12 21.57
N SER A 108 -24.62 -20.47 20.83
CA SER A 108 -26.06 -20.20 21.15
C SER A 108 -26.78 -19.14 20.24
N ASP A 109 -28.00 -18.72 20.64
CA ASP A 109 -28.90 -17.86 19.80
C ASP A 109 -28.45 -16.39 19.60
N LEU A 110 -28.68 -15.51 20.59
CA LEU A 110 -28.34 -14.07 20.47
C LEU A 110 -27.03 -13.68 21.22
N ASN A 111 -26.34 -14.68 21.77
CA ASN A 111 -25.03 -14.50 22.44
C ASN A 111 -23.99 -15.54 21.96
N VAL A 112 -23.10 -15.12 21.04
CA VAL A 112 -22.07 -15.96 20.38
C VAL A 112 -22.62 -17.22 19.68
N SER A 113 -22.05 -17.56 18.52
CA SER A 113 -22.66 -18.50 17.51
C SER A 113 -22.12 -19.95 17.45
N LYS A 114 -22.97 -20.86 16.97
CA LYS A 114 -22.63 -22.28 16.80
C LYS A 114 -22.37 -22.54 15.34
N LEU A 115 -21.53 -23.52 15.04
CA LEU A 115 -20.91 -23.59 13.74
C LEU A 115 -20.76 -24.97 13.11
N ASN A 116 -21.38 -26.02 13.65
CA ASN A 116 -21.16 -27.35 13.09
C ASN A 116 -21.55 -27.33 11.62
N PHE A 117 -22.84 -27.14 11.34
CA PHE A 117 -23.34 -27.06 9.96
C PHE A 117 -23.90 -25.65 9.71
N ASN A 118 -23.29 -24.94 8.77
CA ASN A 118 -23.90 -23.75 8.21
C ASN A 118 -24.24 -24.03 6.74
N ASN A 119 -24.00 -25.29 6.38
CA ASN A 119 -23.51 -25.67 5.07
C ASN A 119 -22.47 -24.67 4.61
N VAL A 120 -21.22 -25.10 4.69
CA VAL A 120 -20.07 -24.30 4.27
C VAL A 120 -20.07 -24.10 2.70
N GLU A 121 -21.20 -24.40 2.03
CA GLU A 121 -21.39 -24.20 0.56
C GLU A 121 -22.38 -23.08 0.17
N GLN A 122 -22.65 -22.16 1.08
CA GLN A 122 -23.81 -21.32 1.03
C GLN A 122 -23.40 -19.84 0.81
N MET A 123 -24.31 -18.95 1.19
CA MET A 123 -24.16 -17.49 1.17
C MET A 123 -24.12 -17.15 2.66
N LYS A 124 -22.99 -17.51 3.28
CA LYS A 124 -22.83 -17.51 4.73
C LYS A 124 -22.04 -16.29 5.15
N LYS A 125 -22.71 -15.14 5.22
CA LYS A 125 -22.04 -13.94 5.70
C LYS A 125 -22.49 -13.54 7.07
N TYR A 126 -22.05 -14.35 8.02
CA TYR A 126 -21.65 -13.90 9.34
C TYR A 126 -20.20 -13.46 9.19
N THR A 127 -19.54 -14.07 8.19
CA THR A 127 -18.12 -13.94 7.93
C THR A 127 -17.70 -12.50 7.78
N GLN A 128 -18.55 -11.69 7.16
CA GLN A 128 -18.27 -10.26 6.95
C GLN A 128 -18.86 -9.42 8.11
N SER A 129 -18.21 -9.54 9.25
CA SER A 129 -18.59 -8.90 10.50
C SER A 129 -17.47 -9.30 11.48
N TYR A 130 -16.81 -8.32 12.10
CA TYR A 130 -15.58 -8.61 12.86
C TYR A 130 -15.82 -9.77 13.82
N SER A 131 -15.44 -10.95 13.33
CA SER A 131 -15.69 -12.25 13.97
C SER A 131 -14.62 -12.59 15.03
N GLY A 132 -14.57 -11.69 16.03
CA GLY A 132 -13.54 -11.69 17.03
C GLY A 132 -12.26 -11.18 16.42
N GLY A 133 -11.17 -11.85 16.76
CA GLY A 133 -9.89 -11.70 16.10
C GLY A 133 -9.67 -12.92 15.24
N LEU A 134 -8.52 -12.94 14.57
CA LEU A 134 -8.29 -13.86 13.45
C LEU A 134 -6.82 -13.95 13.07
N ALA A 135 -6.56 -14.62 11.95
CA ALA A 135 -5.24 -14.61 11.36
C ALA A 135 -5.24 -15.02 9.88
N ASP A 136 -4.64 -14.19 9.03
CA ASP A 136 -4.26 -14.62 7.68
C ASP A 136 -2.85 -15.17 7.80
N SER A 137 -2.59 -16.35 7.22
CA SER A 137 -1.22 -16.75 6.93
C SER A 137 -1.14 -17.84 5.92
N CYS A 138 -0.72 -17.49 4.72
CA CYS A 138 -0.30 -18.48 3.74
C CYS A 138 0.97 -19.21 4.19
N TRP A 139 1.07 -20.48 3.85
CA TRP A 139 2.34 -21.19 3.92
C TRP A 139 2.60 -22.09 2.70
N ALA A 140 3.88 -22.28 2.37
CA ALA A 140 4.26 -23.06 1.20
C ALA A 140 4.69 -24.50 1.56
N TYR A 141 4.38 -25.44 0.65
CA TYR A 141 4.62 -26.87 0.82
C TYR A 141 5.13 -27.48 -0.45
N ALA A 142 6.11 -28.38 -0.27
CA ALA A 142 6.65 -29.20 -1.36
C ALA A 142 6.01 -30.56 -1.26
N VAL A 143 5.30 -30.93 -2.32
CA VAL A 143 4.74 -32.26 -2.42
C VAL A 143 5.86 -33.21 -2.85
N GLY A 144 6.06 -34.24 -2.03
CA GLY A 144 7.04 -35.25 -2.31
C GLY A 144 8.39 -34.63 -2.13
N THR A 145 9.31 -34.99 -3.03
CA THR A 145 10.67 -34.45 -3.04
C THR A 145 10.80 -33.41 -4.17
N PRO A 146 11.10 -32.15 -3.80
CA PRO A 146 11.08 -30.95 -4.63
C PRO A 146 12.35 -30.68 -5.42
N SER A 147 12.23 -30.30 -6.68
CA SER A 147 13.41 -30.00 -7.48
C SER A 147 14.38 -29.03 -6.76
N GLU A 148 15.55 -28.80 -7.35
CA GLU A 148 16.47 -27.80 -6.86
C GLU A 148 15.88 -26.41 -7.12
N GLU A 149 15.32 -26.21 -8.31
CA GLU A 149 14.66 -24.95 -8.67
C GLU A 149 13.64 -24.55 -7.61
N VAL A 150 12.83 -25.52 -7.18
CA VAL A 150 11.80 -25.27 -6.17
C VAL A 150 12.41 -25.09 -4.80
N LYS A 151 13.34 -25.97 -4.44
CA LYS A 151 13.91 -25.95 -3.08
C LYS A 151 14.35 -24.52 -2.74
N ASN A 152 15.02 -23.89 -3.72
CA ASN A 152 15.53 -22.53 -3.58
C ASN A 152 14.43 -21.52 -3.57
N LEU A 153 13.54 -21.60 -4.54
CA LEU A 153 12.40 -20.70 -4.53
C LEU A 153 11.77 -20.62 -3.14
N MET A 154 11.52 -21.77 -2.53
CA MET A 154 10.89 -21.83 -1.22
C MET A 154 11.78 -21.30 -0.12
N ASP A 155 13.07 -21.52 -0.28
CA ASP A 155 14.02 -21.13 0.74
C ASP A 155 14.32 -19.64 0.70
N ILE A 156 14.28 -19.07 -0.50
CA ILE A 156 14.60 -17.65 -0.67
C ILE A 156 13.47 -16.75 -0.23
N THR A 157 12.24 -17.17 -0.54
CA THR A 157 11.05 -16.50 -0.06
C THR A 157 10.95 -16.61 1.48
N LYS A 158 11.13 -17.82 2.00
CA LYS A 158 11.03 -18.03 3.42
C LYS A 158 11.94 -17.04 4.12
N GLU A 159 13.19 -17.01 3.69
CA GLU A 159 14.20 -16.16 4.35
C GLU A 159 13.93 -14.68 4.18
N ALA A 160 13.72 -14.28 2.92
CA ALA A 160 13.39 -12.89 2.58
C ALA A 160 12.33 -12.33 3.52
N MET A 161 11.27 -13.09 3.73
CA MET A 161 10.29 -12.70 4.71
C MET A 161 10.91 -12.49 6.10
N TYR A 162 11.63 -13.47 6.62
CA TYR A 162 12.22 -13.33 7.96
C TYR A 162 13.20 -12.16 8.04
N LYS A 163 13.86 -11.89 6.92
CA LYS A 163 14.69 -10.71 6.74
C LYS A 163 13.89 -9.42 6.79
N GLY A 164 12.69 -9.46 6.24
CA GLY A 164 11.71 -8.39 6.44
C GLY A 164 11.41 -8.19 7.92
N ILE A 165 11.02 -9.26 8.60
CA ILE A 165 10.63 -9.15 10.00
C ILE A 165 11.71 -8.46 10.81
N GLU A 166 12.96 -8.90 10.63
CA GLU A 166 14.12 -8.32 11.30
C GLU A 166 14.04 -6.78 11.36
N GLN A 167 13.58 -6.16 10.28
CA GLN A 167 13.43 -4.70 10.19
C GLN A 167 12.26 -4.14 11.00
N ALA A 168 11.23 -4.94 11.24
CA ALA A 168 10.07 -4.44 11.95
C ALA A 168 10.41 -4.20 13.42
N VAL A 169 11.21 -3.16 13.66
CA VAL A 169 11.58 -2.76 15.03
C VAL A 169 11.18 -1.31 15.20
N VAL A 170 10.77 -0.98 16.42
CA VAL A 170 10.08 0.30 16.68
C VAL A 170 11.00 1.47 16.34
N GLY A 171 10.60 2.27 15.36
CA GLY A 171 11.40 3.41 14.92
C GLY A 171 12.04 3.25 13.56
N ASN A 172 11.88 2.09 12.94
CA ASN A 172 12.15 1.96 11.51
C ASN A 172 10.92 2.47 10.83
N ARG A 173 10.96 2.50 9.50
CA ARG A 173 9.76 2.70 8.68
C ARG A 173 9.43 1.43 7.88
N ILE A 174 8.22 1.43 7.32
CA ILE A 174 7.78 0.30 6.50
C ILE A 174 8.72 0.12 5.30
N GLY A 175 9.17 1.23 4.74
CA GLY A 175 10.14 1.19 3.67
C GLY A 175 11.24 0.19 3.93
N ASP A 176 11.84 0.30 5.11
CA ASP A 176 12.99 -0.51 5.49
C ASP A 176 12.71 -2.01 5.33
N ILE A 177 11.52 -2.43 5.76
CA ILE A 177 11.08 -3.83 5.61
C ILE A 177 11.03 -4.22 4.12
N GLY A 178 10.12 -3.59 3.37
CA GLY A 178 9.93 -3.89 1.96
C GLY A 178 11.19 -3.79 1.13
N ALA A 179 12.04 -2.82 1.45
CA ALA A 179 13.34 -2.67 0.79
C ALA A 179 14.15 -3.94 0.93
N ALA A 180 14.42 -4.31 2.18
CA ALA A 180 15.24 -5.47 2.48
C ALA A 180 14.62 -6.78 1.99
N ILE A 181 13.29 -6.90 2.07
CA ILE A 181 12.65 -8.06 1.46
C ILE A 181 12.97 -8.02 -0.02
N GLN A 182 12.70 -6.88 -0.64
CA GLN A 182 12.92 -6.70 -2.06
C GLN A 182 14.31 -7.15 -2.38
N GLU A 183 15.29 -6.57 -1.72
CA GLU A 183 16.68 -6.86 -2.03
C GLU A 183 17.00 -8.34 -2.00
N TYR A 184 16.81 -8.98 -0.86
CA TYR A 184 17.25 -10.37 -0.68
C TYR A 184 16.88 -11.20 -1.90
N ALA A 185 15.60 -11.23 -2.25
CA ALA A 185 15.11 -12.10 -3.33
C ALA A 185 15.63 -11.68 -4.69
N GLU A 186 15.57 -10.38 -4.93
CA GLU A 186 16.03 -9.75 -6.18
C GLU A 186 17.53 -10.01 -6.45
N SER A 187 18.32 -10.19 -5.40
CA SER A 187 19.75 -10.48 -5.53
C SER A 187 20.07 -11.86 -6.10
N ARG A 188 19.08 -12.76 -6.17
CA ARG A 188 19.30 -14.01 -6.89
C ARG A 188 18.49 -14.02 -8.16
N GLY A 189 18.16 -12.81 -8.65
CA GLY A 189 17.38 -12.66 -9.86
C GLY A 189 16.08 -13.38 -9.75
N TYR A 190 15.54 -13.38 -8.54
CA TYR A 190 14.16 -13.78 -8.33
C TYR A 190 13.37 -12.54 -8.62
N GLY A 191 12.12 -12.72 -9.01
CA GLY A 191 11.25 -11.58 -9.25
C GLY A 191 10.32 -11.43 -8.08
N VAL A 192 9.97 -10.19 -7.73
CA VAL A 192 9.00 -9.94 -6.66
C VAL A 192 7.78 -9.29 -7.27
N VAL A 193 6.62 -9.70 -6.82
CA VAL A 193 5.36 -9.26 -7.40
C VAL A 193 5.04 -7.90 -6.82
N ARG A 194 4.44 -7.02 -7.62
CA ARG A 194 3.96 -5.72 -7.13
C ARG A 194 2.50 -5.49 -7.45
N ASP A 195 2.07 -5.98 -8.60
CA ASP A 195 0.73 -5.74 -9.11
C ASP A 195 -0.40 -6.00 -8.11
N LEU A 196 -0.12 -6.62 -6.97
CA LEU A 196 -1.15 -6.76 -5.95
C LEU A 196 -0.64 -6.61 -4.55
N VAL A 197 -1.15 -5.61 -3.88
CA VAL A 197 -1.06 -5.54 -2.44
C VAL A 197 -2.49 -5.51 -1.89
N GLY A 198 -3.49 -5.69 -2.77
CA GLY A 198 -4.88 -5.34 -2.48
C GLY A 198 -4.95 -4.13 -1.56
N HIS A 199 -4.10 -3.13 -1.85
CA HIS A 199 -3.38 -2.34 -0.81
C HIS A 199 -4.12 -2.36 0.54
N GLY A 200 -3.66 -3.27 1.41
CA GLY A 200 -4.34 -3.64 2.67
C GLY A 200 -5.01 -5.01 2.60
N VAL A 201 -4.87 -5.68 1.45
CA VAL A 201 -5.51 -6.98 1.17
C VAL A 201 -6.85 -7.14 1.89
N GLY A 202 -7.78 -6.24 1.60
CA GLY A 202 -9.20 -6.44 1.90
C GLY A 202 -9.83 -7.55 1.05
N PRO A 203 -9.20 -7.89 -0.10
CA PRO A 203 -9.33 -9.19 -0.75
C PRO A 203 -8.92 -10.36 0.15
N THR A 204 -9.81 -11.36 0.23
CA THR A 204 -9.59 -12.53 1.03
C THR A 204 -9.23 -12.04 2.44
N MET A 205 -10.09 -11.19 2.98
CA MET A 205 -9.79 -10.48 4.21
C MET A 205 -10.84 -9.45 4.61
N HIS A 206 -10.55 -8.77 5.71
CA HIS A 206 -11.34 -7.66 6.20
C HIS A 206 -10.33 -6.70 6.87
N GLU A 207 -9.95 -5.61 6.19
CA GLU A 207 -9.37 -4.42 6.87
C GLU A 207 -7.86 -4.38 7.26
N GLU A 208 -7.30 -5.48 7.76
CA GLU A 208 -5.93 -5.47 8.37
C GLU A 208 -4.82 -4.93 7.50
N PRO A 209 -3.76 -4.41 8.13
CA PRO A 209 -2.69 -3.77 7.39
C PRO A 209 -1.81 -4.75 6.62
N MET A 210 -1.03 -4.21 5.71
CA MET A 210 -0.22 -4.99 4.80
C MET A 210 1.04 -4.22 4.45
N VAL A 211 2.20 -4.74 4.84
CA VAL A 211 3.44 -4.14 4.41
C VAL A 211 3.73 -4.70 3.03
N PRO A 212 4.31 -3.89 2.13
CA PRO A 212 4.57 -4.39 0.81
C PRO A 212 6.01 -4.90 0.76
N ASN A 213 6.27 -5.79 -0.17
CA ASN A 213 7.52 -6.54 -0.19
C ASN A 213 8.58 -5.87 -1.05
N TYR A 214 8.41 -4.58 -1.30
CA TYR A 214 9.32 -3.77 -2.11
C TYR A 214 9.15 -2.33 -1.70
N GLY A 215 10.20 -1.53 -1.87
CA GLY A 215 10.12 -0.13 -1.54
C GLY A 215 11.48 0.50 -1.33
N ILE A 216 11.43 1.69 -0.77
CA ILE A 216 12.60 2.48 -0.48
C ILE A 216 12.68 2.49 1.02
N ALA A 217 13.87 2.69 1.56
CA ALA A 217 14.09 2.67 2.99
C ALA A 217 13.66 3.95 3.73
N GLY A 218 12.76 4.72 3.13
CA GLY A 218 12.04 5.74 3.88
C GLY A 218 10.52 5.61 3.76
N ARG A 219 10.04 5.41 2.53
CA ARG A 219 8.73 5.93 2.10
C ARG A 219 7.46 5.27 2.71
N GLY A 220 7.38 5.30 4.04
CA GLY A 220 6.20 4.78 4.72
C GLY A 220 6.10 5.16 6.19
N LEU A 221 4.97 4.77 6.78
CA LEU A 221 4.70 5.03 8.19
C LEU A 221 5.82 4.53 9.09
N ARG A 222 6.49 5.46 9.77
CA ARG A 222 7.34 5.11 10.91
C ARG A 222 6.49 4.28 11.86
N LEU A 223 7.00 3.12 12.29
CA LEU A 223 6.17 2.13 12.96
C LEU A 223 6.29 2.14 14.49
N ARG A 224 5.21 2.48 15.17
CA ARG A 224 5.22 2.56 16.63
C ARG A 224 4.82 1.25 17.28
N GLU A 225 5.21 1.11 18.54
CA GLU A 225 4.76 0.06 19.42
C GLU A 225 3.25 -0.16 19.31
N GLY A 226 2.83 -1.43 19.32
CA GLY A 226 1.40 -1.78 19.27
C GLY A 226 0.78 -2.05 17.90
N MET A 227 1.47 -1.71 16.83
CA MET A 227 0.99 -2.01 15.48
C MET A 227 1.10 -3.49 15.24
N VAL A 228 0.10 -4.06 14.58
CA VAL A 228 0.14 -5.47 14.21
C VAL A 228 -0.04 -5.59 12.72
N LEU A 229 0.96 -6.24 12.08
CA LEU A 229 1.05 -6.27 10.63
C LEU A 229 1.31 -7.65 10.10
N THR A 230 0.87 -7.88 8.87
CA THR A 230 1.13 -9.12 8.16
C THR A 230 2.24 -8.91 7.16
N ILE A 231 2.72 -9.98 6.59
CA ILE A 231 3.87 -9.89 5.68
C ILE A 231 3.92 -11.19 4.88
N GLU A 232 4.12 -11.05 3.58
CA GLU A 232 3.75 -12.11 2.68
C GLU A 232 4.35 -11.93 1.30
N PRO A 233 5.56 -12.39 1.11
CA PRO A 233 6.15 -12.22 -0.21
C PRO A 233 5.72 -13.23 -1.28
N MET A 234 5.07 -12.76 -2.33
CA MET A 234 4.97 -13.54 -3.55
C MET A 234 6.27 -13.37 -4.32
N ILE A 235 7.01 -14.46 -4.55
CA ILE A 235 8.21 -14.39 -5.36
C ILE A 235 8.03 -15.28 -6.55
N ASN A 236 8.64 -14.89 -7.66
CA ASN A 236 8.61 -15.67 -8.88
C ASN A 236 10.02 -15.98 -9.32
N THR A 237 10.21 -17.13 -9.95
CA THR A 237 11.36 -17.34 -10.86
C THR A 237 11.11 -16.47 -12.08
N GLY A 238 11.98 -15.49 -12.32
CA GLY A 238 11.81 -14.63 -13.47
C GLY A 238 10.74 -13.56 -13.31
N ASP A 239 9.71 -13.59 -14.15
CA ASP A 239 8.79 -12.45 -14.26
C ASP A 239 7.97 -12.22 -13.00
N TRP A 240 7.78 -10.94 -12.64
CA TRP A 240 6.90 -10.53 -11.54
C TRP A 240 5.48 -10.14 -12.00
N GLU A 241 5.30 -10.06 -13.31
CA GLU A 241 3.98 -9.81 -13.90
C GLU A 241 3.06 -11.05 -13.75
N ILE A 242 1.75 -10.80 -13.70
CA ILE A 242 0.77 -11.72 -13.13
C ILE A 242 -0.53 -11.75 -13.94
N ASP A 243 -1.16 -12.90 -14.09
CA ASP A 243 -2.48 -12.97 -14.70
C ASP A 243 -3.50 -12.54 -13.68
N THR A 244 -4.76 -12.54 -14.08
CA THR A 244 -5.89 -12.58 -13.17
C THR A 244 -6.96 -13.36 -13.91
N ASP A 245 -7.43 -14.46 -13.35
CA ASP A 245 -8.36 -15.36 -14.08
C ASP A 245 -9.61 -14.64 -14.62
N MET A 246 -9.88 -14.81 -15.91
CA MET A 246 -10.96 -14.09 -16.56
C MET A 246 -12.29 -14.75 -16.22
N LYS A 247 -12.33 -16.07 -16.19
CA LYS A 247 -13.58 -16.81 -15.89
C LYS A 247 -14.18 -16.59 -14.50
N THR A 248 -13.34 -16.46 -13.50
CA THR A 248 -13.80 -16.35 -12.14
C THR A 248 -13.30 -15.09 -11.43
N GLY A 249 -12.21 -14.51 -11.92
CA GLY A 249 -11.81 -13.20 -11.49
C GLY A 249 -10.96 -13.18 -10.25
N TRP A 250 -10.45 -14.36 -9.85
CA TRP A 250 -9.52 -14.47 -8.70
C TRP A 250 -8.09 -14.79 -9.11
N ALA A 251 -7.88 -16.04 -9.48
CA ALA A 251 -6.58 -16.66 -9.44
C ALA A 251 -5.51 -15.93 -10.25
N HIS A 252 -4.44 -15.62 -9.57
CA HIS A 252 -3.34 -14.93 -10.17
C HIS A 252 -2.24 -15.90 -10.51
N LYS A 253 -1.54 -15.62 -11.61
CA LYS A 253 -0.63 -16.58 -12.19
C LYS A 253 0.51 -15.85 -12.82
N THR A 254 1.71 -16.36 -12.63
CA THR A 254 2.87 -15.76 -13.27
C THR A 254 2.65 -15.66 -14.77
N ILE A 255 3.09 -14.53 -15.34
CA ILE A 255 2.89 -14.22 -16.76
C ILE A 255 3.69 -15.16 -17.68
N ASP A 256 4.94 -15.46 -17.31
CA ASP A 256 5.86 -16.19 -18.18
C ASP A 256 5.80 -17.70 -18.00
N GLY A 257 5.09 -18.16 -16.98
CA GLY A 257 4.94 -19.60 -16.71
C GLY A 257 5.89 -20.07 -15.64
N GLY A 258 6.64 -19.13 -15.08
CA GLY A 258 7.53 -19.40 -13.97
C GLY A 258 6.81 -19.93 -12.75
N LEU A 259 7.58 -20.31 -11.76
CA LEU A 259 6.99 -20.80 -10.54
C LEU A 259 6.91 -19.58 -9.65
N SER A 260 5.90 -19.55 -8.79
CA SER A 260 5.87 -18.58 -7.72
C SER A 260 5.75 -19.28 -6.39
N CYS A 261 6.03 -18.54 -5.33
CA CYS A 261 5.94 -19.03 -3.97
C CYS A 261 5.61 -17.88 -3.03
N GLN A 262 5.00 -18.22 -1.91
CA GLN A 262 4.57 -17.24 -0.94
C GLN A 262 4.67 -17.81 0.45
N TYR A 263 5.21 -17.04 1.38
CA TYR A 263 5.08 -17.36 2.80
C TYR A 263 4.36 -16.19 3.51
N GLU A 264 3.88 -16.36 4.73
CA GLU A 264 3.21 -15.26 5.44
C GLU A 264 3.16 -15.38 6.97
N HIS A 265 3.38 -14.26 7.65
CA HIS A 265 3.17 -14.19 9.08
C HIS A 265 2.52 -12.89 9.45
N GLN A 266 2.06 -12.82 10.69
CA GLN A 266 1.72 -11.57 11.29
C GLN A 266 2.56 -11.45 12.54
N PHE A 267 2.64 -10.23 13.08
CA PHE A 267 3.46 -9.95 14.24
C PHE A 267 3.09 -8.63 14.87
N VAL A 268 3.37 -8.49 16.17
CA VAL A 268 3.17 -7.21 16.85
C VAL A 268 4.49 -6.47 16.84
N ILE A 269 4.42 -5.16 16.76
CA ILE A 269 5.59 -4.31 17.00
C ILE A 269 5.75 -4.12 18.53
N THR A 270 6.48 -5.04 19.15
CA THR A 270 6.85 -4.93 20.57
C THR A 270 8.19 -4.18 20.67
N LYS A 271 8.68 -3.98 21.87
CA LYS A 271 9.91 -3.24 22.08
C LYS A 271 11.10 -4.18 22.32
N ASP A 272 10.86 -5.49 22.29
CA ASP A 272 11.98 -6.45 22.19
C ASP A 272 12.41 -6.50 20.72
N GLY A 273 11.54 -5.94 19.86
CA GLY A 273 11.62 -6.08 18.41
C GLY A 273 10.22 -6.41 17.89
N PRO A 274 10.09 -7.44 17.03
CA PRO A 274 8.79 -7.94 16.65
C PRO A 274 8.56 -9.31 17.23
N VAL A 275 7.34 -9.54 17.69
CA VAL A 275 6.97 -10.85 18.19
C VAL A 275 5.91 -11.43 17.24
N ILE A 276 6.32 -12.50 16.55
CA ILE A 276 5.51 -13.19 15.52
C ILE A 276 4.28 -13.95 16.07
N LEU A 277 3.10 -13.49 15.65
CA LEU A 277 1.81 -13.96 16.18
C LEU A 277 1.24 -15.29 15.64
N THR A 278 1.80 -15.77 14.53
CA THR A 278 1.29 -16.93 13.82
C THR A 278 2.34 -18.04 13.69
N SER A 279 3.20 -18.21 14.70
CA SER A 279 4.29 -19.18 14.60
C SER A 279 3.81 -20.62 14.75
N GLN A 280 4.45 -21.51 14.00
CA GLN A 280 4.21 -22.95 14.09
C GLN A 280 5.53 -23.67 14.39
N GLY A 281 6.44 -22.95 15.04
CA GLY A 281 7.65 -23.58 15.54
C GLY A 281 8.69 -22.61 16.05
N GLU A 282 9.94 -22.94 15.79
CA GLU A 282 11.01 -21.98 15.92
C GLU A 282 11.34 -21.62 14.50
N GLU A 283 11.68 -20.35 14.32
CA GLU A 283 11.61 -19.76 13.00
C GLU A 283 12.76 -20.17 12.11
N GLY A 284 12.44 -20.55 10.87
CA GLY A 284 13.44 -21.01 9.91
C GLY A 284 13.47 -22.50 9.79
N THR A 285 12.85 -23.14 10.79
CA THR A 285 12.88 -24.57 10.94
C THR A 285 11.75 -25.34 10.24
N TYR A 286 10.73 -24.66 9.72
CA TYR A 286 9.54 -25.33 9.15
C TYR A 286 9.16 -24.86 7.73
N MET B 1 -3.48 6.67 7.89
CA MET B 1 -4.50 6.00 8.76
C MET B 1 -5.88 5.93 8.09
N ILE B 2 -6.47 4.73 8.10
CA ILE B 2 -7.71 4.39 7.35
C ILE B 2 -9.01 4.85 8.00
N THR B 3 -9.03 4.85 9.34
CA THR B 3 -10.22 5.15 10.14
C THR B 3 -10.80 6.55 9.89
N LEU B 4 -12.11 6.60 9.64
CA LEU B 4 -12.80 7.78 9.09
C LEU B 4 -12.73 9.08 9.89
N LYS B 5 -13.00 10.18 9.20
CA LYS B 5 -12.86 11.52 9.75
C LYS B 5 -14.22 12.17 10.01
N SER B 6 -14.36 12.82 11.17
CA SER B 6 -15.56 13.55 11.51
C SER B 6 -15.62 14.85 10.69
N ALA B 7 -16.84 15.33 10.44
CA ALA B 7 -17.07 16.44 9.48
C ALA B 7 -16.24 17.71 9.74
N ARG B 8 -15.85 17.92 10.99
CA ARG B 8 -15.00 19.04 11.37
C ARG B 8 -13.56 18.84 10.91
N GLU B 9 -13.05 17.62 11.06
CA GLU B 9 -11.74 17.25 10.55
C GLU B 9 -11.71 17.27 9.03
N ILE B 10 -12.89 17.13 8.42
CA ILE B 10 -13.01 17.25 6.98
C ILE B 10 -12.94 18.73 6.64
N GLU B 11 -13.82 19.50 7.27
CA GLU B 11 -13.85 20.95 7.07
C GLU B 11 -12.46 21.51 7.22
N ALA B 12 -11.85 21.21 8.37
CA ALA B 12 -10.45 21.54 8.63
C ALA B 12 -9.64 21.47 7.34
N MET B 13 -9.65 20.28 6.73
CA MET B 13 -8.80 20.02 5.59
C MET B 13 -9.17 20.85 4.39
N ASP B 14 -10.45 21.05 4.09
CA ASP B 14 -10.76 21.82 2.88
C ASP B 14 -10.16 23.22 2.93
N LYS B 15 -10.06 23.77 4.14
CA LYS B 15 -9.53 25.12 4.30
C LYS B 15 -8.02 25.18 4.11
N ALA B 16 -7.29 24.16 4.60
CA ALA B 16 -5.88 23.99 4.22
C ALA B 16 -5.73 23.70 2.72
N GLY B 17 -6.72 23.00 2.16
CA GLY B 17 -6.81 22.75 0.73
C GLY B 17 -7.12 24.01 -0.03
N ASP B 18 -7.90 24.89 0.58
CA ASP B 18 -8.13 26.19 0.01
C ASP B 18 -6.77 26.86 -0.19
N PHE B 19 -6.05 26.95 0.92
CA PHE B 19 -4.78 27.64 0.96
C PHE B 19 -3.81 27.03 -0.08
N LEU B 20 -3.43 25.76 0.13
CA LEU B 20 -2.66 24.97 -0.84
C LEU B 20 -3.05 25.32 -2.27
N ALA B 21 -4.34 25.24 -2.54
CA ALA B 21 -4.82 25.54 -3.86
C ALA B 21 -4.31 26.91 -4.31
N SER B 22 -4.38 27.89 -3.43
CA SER B 22 -4.01 29.24 -3.83
C SER B 22 -2.51 29.39 -4.13
N ILE B 23 -1.64 28.72 -3.37
CA ILE B 23 -0.21 28.75 -3.68
C ILE B 23 -0.02 28.26 -5.10
N HIS B 24 -0.65 27.15 -5.40
CA HIS B 24 -0.59 26.67 -6.76
C HIS B 24 -1.04 27.67 -7.78
N ILE B 25 -1.91 28.58 -7.37
CA ILE B 25 -2.44 29.55 -8.30
C ILE B 25 -1.49 30.73 -8.43
N GLY B 26 -0.89 31.12 -7.30
CA GLY B 26 0.20 32.10 -7.31
C GLY B 26 1.35 31.63 -8.15
N LEU B 27 1.54 30.31 -8.20
CA LEU B 27 2.68 29.73 -8.86
C LEU B 27 2.68 29.85 -10.34
N ARG B 28 1.51 29.92 -10.94
CA ARG B 28 1.42 29.99 -12.39
C ARG B 28 2.07 31.25 -12.90
N ASP B 29 1.76 32.34 -12.20
CA ASP B 29 2.31 33.65 -12.45
C ASP B 29 3.78 33.75 -12.18
N LEU B 30 4.41 32.65 -11.75
CA LEU B 30 5.81 32.68 -11.30
C LEU B 30 6.73 31.66 -11.99
N ILE B 31 6.21 30.46 -12.26
CA ILE B 31 7.00 29.45 -12.95
C ILE B 31 7.09 29.88 -14.40
N LYS B 32 8.20 30.51 -14.75
CA LYS B 32 8.43 31.01 -16.08
C LYS B 32 9.90 30.85 -16.46
N PRO B 33 10.21 31.01 -17.75
CA PRO B 33 11.62 30.93 -18.13
C PRO B 33 12.49 32.01 -17.47
N GLY B 34 13.72 31.66 -17.07
CA GLY B 34 14.65 32.64 -16.45
C GLY B 34 14.53 32.92 -14.95
N VAL B 35 13.54 32.35 -14.29
CA VAL B 35 13.36 32.62 -12.86
C VAL B 35 13.98 31.51 -12.02
N ASP B 36 14.49 31.91 -10.86
CA ASP B 36 15.22 30.98 -10.03
C ASP B 36 14.28 30.04 -9.29
N MET B 37 14.37 28.76 -9.65
CA MET B 37 13.52 27.77 -9.05
C MET B 37 13.31 28.15 -7.61
N TRP B 38 14.38 28.55 -6.94
CA TRP B 38 14.31 28.91 -5.53
C TRP B 38 13.17 29.91 -5.14
N GLU B 39 12.58 30.62 -6.11
CA GLU B 39 11.49 31.56 -5.80
C GLU B 39 10.24 30.83 -5.31
N VAL B 40 10.16 29.56 -5.70
CA VAL B 40 9.06 28.67 -5.35
C VAL B 40 9.04 28.35 -3.86
N GLU B 41 10.21 28.01 -3.35
CA GLU B 41 10.34 27.74 -1.94
C GLU B 41 9.93 29.00 -1.21
N GLU B 42 10.53 30.12 -1.61
CA GLU B 42 10.35 31.36 -0.89
C GLU B 42 8.88 31.79 -0.89
N TYR B 43 8.21 31.67 -2.03
CA TYR B 43 6.80 31.98 -2.08
C TYR B 43 6.00 31.20 -1.01
N VAL B 44 6.15 29.90 -0.97
CA VAL B 44 5.40 29.12 0.00
C VAL B 44 5.87 29.51 1.38
N ARG B 45 7.18 29.74 1.47
CA ARG B 45 7.85 30.14 2.69
C ARG B 45 7.12 31.39 3.18
N ARG B 46 7.06 32.37 2.29
CA ARG B 46 6.49 33.68 2.56
C ARG B 46 5.03 33.62 2.92
N ARG B 47 4.29 32.84 2.14
CA ARG B 47 2.84 32.81 2.29
C ARG B 47 2.44 32.02 3.53
N CYS B 48 3.34 31.18 4.02
CA CYS B 48 3.03 30.43 5.23
C CYS B 48 3.07 31.37 6.42
N LYS B 49 4.08 32.23 6.44
CA LYS B 49 4.24 33.25 7.48
C LYS B 49 3.12 34.29 7.52
N GLU B 50 2.59 34.64 6.36
CA GLU B 50 1.52 35.65 6.24
C GLU B 50 0.18 35.14 6.76
N GLU B 51 -0.23 33.94 6.33
CA GLU B 51 -1.51 33.37 6.79
C GLU B 51 -1.35 32.20 7.76
N ASN B 52 -0.19 32.13 8.41
CA ASN B 52 0.02 31.33 9.63
C ASN B 52 -0.18 29.83 9.44
N PHE B 53 0.43 29.32 8.38
CA PHE B 53 0.40 27.91 8.10
C PHE B 53 1.76 27.38 8.38
N LEU B 54 1.82 26.06 8.63
CA LEU B 54 3.10 25.36 8.82
C LEU B 54 3.52 24.62 7.57
N PRO B 55 4.79 24.72 7.21
CA PRO B 55 5.30 23.82 6.18
C PRO B 55 5.74 22.52 6.85
N LEU B 56 4.93 21.49 6.72
CA LEU B 56 5.12 20.34 7.55
C LEU B 56 6.14 19.39 6.94
N GLN B 57 6.64 19.69 5.74
CA GLN B 57 7.75 18.94 5.16
C GLN B 57 9.09 19.21 5.85
N ILE B 58 9.19 20.37 6.54
CA ILE B 58 10.44 20.77 7.18
C ILE B 58 10.54 20.02 8.49
N GLY B 59 11.54 19.16 8.57
CA GLY B 59 11.82 18.38 9.78
C GLY B 59 11.52 16.89 9.69
N VAL B 60 10.97 16.42 8.57
CA VAL B 60 10.64 15.00 8.43
C VAL B 60 11.92 14.19 8.28
N ASP B 61 11.91 12.95 8.77
CA ASP B 61 13.12 12.13 8.87
C ASP B 61 13.64 11.60 7.56
N GLY B 62 14.92 11.28 7.57
CA GLY B 62 15.55 10.62 6.43
C GLY B 62 16.73 9.83 6.95
N ALA B 63 17.10 8.80 6.20
CA ALA B 63 18.17 7.90 6.61
C ALA B 63 19.38 8.77 6.80
N MET B 64 19.56 9.67 5.83
CA MET B 64 20.66 10.60 5.78
C MET B 64 20.42 11.79 6.69
N MET B 65 19.29 12.44 6.47
CA MET B 65 19.07 13.76 7.01
C MET B 65 17.61 14.02 7.01
N ASP B 66 17.18 14.99 7.78
CA ASP B 66 15.79 15.40 7.73
C ASP B 66 15.53 16.26 6.50
N TYR B 67 14.27 16.39 6.09
CA TYR B 67 13.94 17.20 4.92
C TYR B 67 14.03 18.69 5.25
N PRO B 68 14.94 19.40 4.55
CA PRO B 68 15.21 20.81 4.77
C PRO B 68 14.17 21.81 4.21
N TYR B 69 13.44 21.42 3.20
CA TYR B 69 12.64 22.38 2.48
C TYR B 69 11.15 22.25 2.78
N ALA B 70 10.42 23.33 2.53
CA ALA B 70 8.97 23.38 2.75
C ALA B 70 8.27 22.75 1.58
N THR B 71 9.05 22.62 0.51
CA THR B 71 8.58 22.33 -0.80
C THR B 71 9.49 21.24 -1.36
N CYS B 72 8.96 20.41 -2.25
CA CYS B 72 9.78 19.54 -3.11
C CYS B 72 9.67 20.04 -4.52
N CYS B 73 10.80 20.22 -5.21
CA CYS B 73 10.80 20.68 -6.60
C CYS B 73 11.44 19.68 -7.56
N SER B 74 10.65 18.72 -8.02
CA SER B 74 11.15 17.72 -8.94
C SER B 74 11.04 18.23 -10.34
N LEU B 75 12.20 18.32 -10.97
CA LEU B 75 12.35 18.86 -12.29
C LEU B 75 12.64 17.75 -13.30
N ASN B 76 11.92 17.77 -14.42
CA ASN B 76 12.14 16.84 -15.54
C ASN B 76 12.15 15.33 -15.22
N ASP B 77 13.33 14.72 -15.27
CA ASP B 77 13.45 13.29 -15.08
C ASP B 77 13.42 12.95 -13.59
N GLU B 78 13.50 13.99 -12.76
CA GLU B 78 13.28 13.85 -11.36
C GLU B 78 11.82 13.53 -11.17
N VAL B 79 11.57 12.45 -10.44
CA VAL B 79 10.24 11.93 -10.22
C VAL B 79 9.59 12.66 -9.08
N ALA B 80 10.23 12.62 -7.91
CA ALA B 80 9.65 13.22 -6.72
C ALA B 80 10.64 13.44 -5.62
N HIS B 81 10.26 14.26 -4.65
CA HIS B 81 11.09 14.53 -3.47
C HIS B 81 12.50 15.09 -3.70
N ALA B 82 12.72 15.74 -4.86
CA ALA B 82 13.93 16.52 -5.09
C ALA B 82 13.81 17.82 -4.30
N PHE B 83 14.93 18.53 -4.15
CA PHE B 83 14.94 19.78 -3.41
C PHE B 83 14.70 20.96 -4.34
N PRO B 84 14.23 22.09 -3.79
CA PRO B 84 14.31 23.35 -4.50
C PRO B 84 15.71 23.91 -4.32
N ARG B 85 16.22 24.60 -5.34
CA ARG B 85 17.60 25.04 -5.38
C ARG B 85 17.81 26.23 -6.27
N HIS B 86 18.96 26.84 -6.14
CA HIS B 86 19.36 27.86 -7.06
C HIS B 86 19.61 27.26 -8.43
N TYR B 87 18.66 27.56 -9.32
CA TYR B 87 18.62 27.06 -10.68
C TYR B 87 17.74 27.98 -11.49
N ILE B 88 18.27 28.51 -12.58
CA ILE B 88 17.42 29.27 -13.46
C ILE B 88 16.62 28.31 -14.35
N LEU B 89 15.31 28.32 -14.15
CA LEU B 89 14.39 27.64 -15.01
C LEU B 89 14.74 27.80 -16.48
N LYS B 90 14.11 26.99 -17.32
CA LYS B 90 14.32 27.11 -18.75
C LYS B 90 12.97 26.97 -19.45
N ASP B 91 12.87 27.52 -20.66
CA ASP B 91 11.70 27.26 -21.48
C ASP B 91 11.85 25.81 -21.94
N GLY B 92 10.81 25.01 -21.68
CA GLY B 92 10.80 23.59 -22.02
C GLY B 92 10.79 22.73 -20.77
N ASP B 93 11.36 23.26 -19.69
CA ASP B 93 11.45 22.54 -18.41
C ASP B 93 10.07 22.08 -17.97
N LEU B 94 10.06 20.92 -17.29
CA LEU B 94 8.91 20.37 -16.59
C LEU B 94 9.26 20.31 -15.11
N LEU B 95 8.43 20.95 -14.28
CA LEU B 95 8.72 21.18 -12.86
C LEU B 95 7.52 20.79 -12.00
N LYS B 96 7.78 20.04 -10.94
CA LYS B 96 6.72 19.58 -10.07
C LYS B 96 6.95 20.16 -8.68
N VAL B 97 5.88 20.69 -8.09
CA VAL B 97 5.97 21.33 -6.80
C VAL B 97 5.05 20.62 -5.81
N ASP B 98 5.60 19.70 -5.02
CA ASP B 98 4.82 19.07 -3.95
C ASP B 98 5.03 19.90 -2.72
N MET B 99 4.05 19.84 -1.81
CA MET B 99 4.16 20.45 -0.49
C MET B 99 3.03 19.94 0.39
N VAL B 100 3.23 20.02 1.71
CA VAL B 100 2.19 19.73 2.69
C VAL B 100 2.20 20.85 3.68
N LEU B 101 1.07 21.56 3.77
CA LEU B 101 0.94 22.69 4.70
C LEU B 101 -0.12 22.43 5.77
N GLY B 102 0.13 22.90 6.98
CA GLY B 102 -0.80 22.72 8.09
C GLY B 102 -1.29 24.05 8.67
N GLY B 103 -2.59 24.13 8.89
CA GLY B 103 -3.20 25.33 9.41
C GLY B 103 -4.60 25.50 8.86
N PRO B 104 -5.19 26.68 9.04
CA PRO B 104 -4.60 27.89 9.60
C PRO B 104 -4.76 27.97 11.11
N ILE B 105 -3.65 28.10 11.84
CA ILE B 105 -3.69 28.10 13.32
C ILE B 105 -3.52 29.51 13.89
N ALA B 106 -4.21 29.79 15.01
CA ALA B 106 -4.15 31.11 15.62
C ALA B 106 -2.83 31.29 16.38
N LYS B 107 -2.83 32.06 17.47
CA LYS B 107 -1.62 32.24 18.26
C LYS B 107 -1.93 32.36 19.75
N SER B 108 -1.02 31.90 20.60
CA SER B 108 -1.23 31.89 22.07
C SER B 108 0.06 31.51 22.85
N ASP B 109 0.03 30.45 23.68
CA ASP B 109 1.13 30.08 24.58
C ASP B 109 2.16 29.16 23.89
N LEU B 110 2.97 28.41 24.66
CA LEU B 110 3.84 27.36 24.11
C LEU B 110 2.97 26.20 23.60
N ASN B 111 2.07 26.54 22.68
CA ASN B 111 1.09 25.65 22.08
C ASN B 111 0.67 26.20 20.71
N VAL B 112 0.14 27.44 20.70
CA VAL B 112 -0.43 28.09 19.48
C VAL B 112 0.51 29.21 18.92
N SER B 113 1.25 28.90 17.85
CA SER B 113 2.34 29.74 17.29
C SER B 113 1.92 31.05 16.63
N LYS B 114 2.66 32.10 16.93
CA LYS B 114 2.64 33.31 16.09
C LYS B 114 3.41 32.98 14.83
N LEU B 115 4.47 32.18 14.95
CA LEU B 115 5.03 31.48 13.81
C LEU B 115 5.80 32.37 12.81
N ASN B 116 6.04 33.63 13.13
CA ASN B 116 6.82 34.48 12.23
C ASN B 116 8.26 34.63 12.70
N PHE B 117 9.09 35.13 11.77
CA PHE B 117 10.53 34.80 11.67
C PHE B 117 11.16 34.01 12.84
N ASN B 118 10.51 32.89 13.18
CA ASN B 118 11.25 31.73 13.66
C ASN B 118 11.90 31.12 12.42
N ASN B 119 13.09 30.57 12.60
CA ASN B 119 14.00 30.39 11.50
C ASN B 119 13.59 29.21 10.63
N VAL B 120 12.64 29.46 9.72
CA VAL B 120 12.23 28.47 8.71
C VAL B 120 13.48 27.80 8.10
N GLU B 121 14.59 28.52 8.16
CA GLU B 121 15.90 28.02 7.78
C GLU B 121 16.52 26.96 8.72
N GLN B 122 15.83 26.53 9.79
CA GLN B 122 16.48 25.64 10.72
C GLN B 122 15.59 24.78 11.63
N MET B 123 15.33 23.55 11.18
CA MET B 123 15.39 22.31 12.01
C MET B 123 14.75 22.32 13.39
N LYS B 124 13.47 22.68 13.31
CA LYS B 124 12.58 22.83 14.46
C LYS B 124 11.36 21.92 14.22
N LYS B 125 10.98 21.22 15.28
CA LYS B 125 9.83 20.36 15.20
C LYS B 125 8.77 20.77 16.21
N TYR B 126 8.16 21.89 15.85
CA TYR B 126 6.75 22.11 16.04
C TYR B 126 6.00 21.31 14.96
N THR B 127 6.72 20.98 13.88
CA THR B 127 6.17 20.29 12.71
C THR B 127 5.74 18.83 12.90
N GLN B 128 6.59 17.98 13.48
CA GLN B 128 6.26 16.56 13.62
C GLN B 128 5.20 16.31 14.67
N SER B 129 5.05 17.30 15.56
CA SER B 129 3.85 17.47 16.40
C SER B 129 2.78 18.20 15.57
N TYR B 130 1.81 17.45 15.06
CA TYR B 130 1.00 17.87 13.89
C TYR B 130 0.26 19.21 14.01
N SER B 131 0.11 19.92 12.90
CA SER B 131 -0.76 21.13 12.85
C SER B 131 -2.21 20.85 12.45
N GLY B 132 -2.96 20.14 13.30
CA GLY B 132 -4.39 19.92 13.10
C GLY B 132 -4.74 19.39 11.72
N GLY B 133 -5.12 20.30 10.83
CA GLY B 133 -5.44 19.97 9.44
C GLY B 133 -4.30 20.36 8.51
N LEU B 134 -4.17 19.60 7.41
CA LEU B 134 -3.10 19.80 6.45
C LEU B 134 -3.55 19.48 5.01
N ALA B 135 -2.61 19.45 4.06
CA ALA B 135 -2.81 18.85 2.72
C ALA B 135 -1.48 18.68 1.97
N ASP B 136 -1.11 17.43 1.60
CA ASP B 136 -0.10 17.18 0.55
C ASP B 136 -0.82 17.60 -0.71
N SER B 137 -0.11 18.20 -1.66
CA SER B 137 -0.62 18.31 -3.04
C SER B 137 0.44 18.81 -4.03
N CYS B 138 0.84 17.91 -4.91
CA CYS B 138 1.78 18.16 -5.96
C CYS B 138 1.02 18.58 -7.21
N TRP B 139 1.56 19.54 -7.92
CA TRP B 139 1.01 19.95 -9.20
C TRP B 139 2.14 20.28 -10.12
N ALA B 140 1.98 19.88 -11.37
CA ALA B 140 3.03 20.04 -12.38
C ALA B 140 2.79 21.24 -13.26
N TYR B 141 3.90 21.79 -13.77
CA TYR B 141 3.91 23.01 -14.57
C TYR B 141 4.95 22.94 -15.72
N ALA B 142 4.53 23.26 -16.95
CA ALA B 142 5.46 23.40 -18.08
C ALA B 142 5.95 24.82 -18.08
N VAL B 143 7.24 25.02 -17.79
CA VAL B 143 7.83 26.34 -17.81
C VAL B 143 7.95 26.76 -19.26
N GLY B 144 7.39 27.92 -19.59
CA GLY B 144 7.36 28.39 -20.96
C GLY B 144 6.45 27.52 -21.79
N THR B 145 6.90 27.22 -23.01
CA THR B 145 6.13 26.41 -23.97
C THR B 145 6.77 25.02 -24.11
N PRO B 146 5.98 23.95 -23.85
CA PRO B 146 6.50 22.58 -23.79
C PRO B 146 6.54 21.82 -25.10
N SER B 147 7.48 20.88 -25.21
CA SER B 147 7.46 19.95 -26.32
C SER B 147 6.10 19.27 -26.34
N GLU B 148 5.85 18.51 -27.39
CA GLU B 148 4.66 17.67 -27.41
C GLU B 148 4.95 16.53 -26.43
N GLU B 149 6.19 16.06 -26.43
CA GLU B 149 6.68 15.14 -25.41
C GLU B 149 5.97 15.46 -24.12
N VAL B 150 6.15 16.70 -23.68
CA VAL B 150 5.65 17.13 -22.38
C VAL B 150 4.15 17.25 -22.39
N LYS B 151 3.62 18.09 -23.28
CA LYS B 151 2.19 18.37 -23.28
C LYS B 151 1.41 17.07 -23.12
N ASN B 152 1.84 16.05 -23.87
CA ASN B 152 1.19 14.75 -23.84
C ASN B 152 1.41 14.09 -22.49
N LEU B 153 2.67 13.94 -22.10
CA LEU B 153 2.97 13.39 -20.77
C LEU B 153 2.03 13.98 -19.74
N MET B 154 1.97 15.31 -19.68
CA MET B 154 1.16 15.99 -18.68
C MET B 154 -0.34 15.71 -18.79
N ASP B 155 -0.87 15.62 -20.00
CA ASP B 155 -2.31 15.38 -20.15
C ASP B 155 -2.73 14.03 -19.57
N ILE B 156 -1.85 13.04 -19.71
CA ILE B 156 -2.21 11.66 -19.41
C ILE B 156 -2.15 11.49 -17.92
N THR B 157 -1.00 11.84 -17.36
CA THR B 157 -0.84 11.95 -15.93
C THR B 157 -2.05 12.65 -15.32
N LYS B 158 -2.55 13.69 -15.99
CA LYS B 158 -3.65 14.44 -15.44
C LYS B 158 -4.90 13.61 -15.54
N GLU B 159 -5.29 13.22 -16.75
CA GLU B 159 -6.55 12.49 -16.90
C GLU B 159 -6.52 11.17 -16.13
N ALA B 160 -5.42 10.44 -16.26
CA ALA B 160 -5.16 9.28 -15.40
C ALA B 160 -5.60 9.55 -13.97
N MET B 161 -5.13 10.66 -13.41
CA MET B 161 -5.40 11.01 -12.04
C MET B 161 -6.89 11.16 -11.83
N TYR B 162 -7.53 11.89 -12.74
CA TYR B 162 -8.94 12.22 -12.61
C TYR B 162 -9.82 11.03 -12.93
N LYS B 163 -9.26 10.05 -13.65
CA LYS B 163 -9.94 8.77 -13.92
C LYS B 163 -9.94 7.86 -12.69
N GLY B 164 -8.83 7.87 -11.96
CA GLY B 164 -8.76 7.27 -10.63
C GLY B 164 -9.88 7.84 -9.81
N ILE B 165 -9.92 9.17 -9.69
CA ILE B 165 -10.99 9.85 -8.97
C ILE B 165 -12.38 9.34 -9.35
N GLU B 166 -12.62 9.26 -10.66
CA GLU B 166 -13.92 8.87 -11.18
C GLU B 166 -14.43 7.63 -10.52
N GLN B 167 -13.51 6.70 -10.21
CA GLN B 167 -13.81 5.42 -9.54
C GLN B 167 -13.91 5.50 -8.03
N ALA B 168 -13.56 6.65 -7.45
CA ALA B 168 -13.59 6.82 -6.02
C ALA B 168 -15.02 7.00 -5.57
N VAL B 169 -15.81 5.96 -5.78
CA VAL B 169 -17.24 6.00 -5.60
C VAL B 169 -17.58 5.06 -4.46
N VAL B 170 -18.51 5.46 -3.59
CA VAL B 170 -18.79 4.67 -2.37
C VAL B 170 -19.33 3.29 -2.77
N GLY B 171 -18.98 2.27 -1.99
CA GLY B 171 -19.23 0.89 -2.39
C GLY B 171 -18.37 0.55 -3.59
N ASN B 172 -17.07 0.47 -3.36
CA ASN B 172 -16.12 0.10 -4.40
C ASN B 172 -14.78 -0.10 -3.77
N ARG B 173 -13.85 -0.75 -4.47
CA ARG B 173 -12.57 -1.17 -3.86
C ARG B 173 -11.42 -0.27 -4.33
N ILE B 174 -10.41 -0.07 -3.49
CA ILE B 174 -9.31 0.78 -3.93
C ILE B 174 -8.76 0.18 -5.20
N GLY B 175 -8.68 -1.14 -5.27
CA GLY B 175 -8.28 -1.84 -6.48
C GLY B 175 -8.81 -1.16 -7.73
N ASP B 176 -10.09 -0.80 -7.71
CA ASP B 176 -10.74 -0.21 -8.89
C ASP B 176 -10.13 1.14 -9.36
N ILE B 177 -9.46 1.84 -8.47
CA ILE B 177 -8.75 3.07 -8.85
C ILE B 177 -7.40 2.75 -9.53
N GLY B 178 -6.42 2.24 -8.78
CA GLY B 178 -5.13 1.91 -9.35
C GLY B 178 -5.26 1.22 -10.69
N ALA B 179 -6.15 0.22 -10.74
CA ALA B 179 -6.59 -0.42 -11.99
C ALA B 179 -6.77 0.56 -13.11
N ALA B 180 -7.66 1.53 -12.84
CA ALA B 180 -8.07 2.55 -13.77
C ALA B 180 -6.89 3.42 -14.17
N ILE B 181 -6.20 3.93 -13.16
CA ILE B 181 -4.99 4.72 -13.39
C ILE B 181 -4.00 3.91 -14.23
N GLN B 182 -3.71 2.70 -13.77
CA GLN B 182 -2.83 1.77 -14.48
C GLN B 182 -3.20 1.75 -15.95
N GLU B 183 -4.39 1.24 -16.23
CA GLU B 183 -4.85 1.02 -17.59
C GLU B 183 -4.56 2.22 -18.47
N TYR B 184 -5.12 3.36 -18.11
CA TYR B 184 -5.07 4.59 -18.91
C TYR B 184 -3.63 4.94 -19.33
N ALA B 185 -2.78 5.28 -18.38
CA ALA B 185 -1.41 5.65 -18.69
C ALA B 185 -0.66 4.53 -19.39
N GLU B 186 -0.84 3.31 -18.87
CA GLU B 186 -0.13 2.15 -19.39
C GLU B 186 -0.59 1.78 -20.80
N SER B 187 -1.82 2.11 -21.16
CA SER B 187 -2.32 1.84 -22.51
C SER B 187 -1.94 2.92 -23.53
N ARG B 188 -0.85 3.63 -23.27
CA ARG B 188 -0.32 4.60 -24.21
C ARG B 188 1.20 4.59 -24.27
N GLY B 189 1.86 3.64 -23.58
CA GLY B 189 3.32 3.54 -23.60
C GLY B 189 3.93 4.00 -22.32
N TYR B 190 3.33 5.03 -21.73
CA TYR B 190 3.77 5.60 -20.46
C TYR B 190 3.84 4.55 -19.35
N GLY B 191 4.94 4.55 -18.61
CA GLY B 191 5.13 3.58 -17.54
C GLY B 191 4.86 4.23 -16.22
N VAL B 192 4.19 3.53 -15.30
CA VAL B 192 3.85 4.12 -14.01
C VAL B 192 4.90 3.69 -12.99
N VAL B 193 5.30 4.62 -12.12
CA VAL B 193 6.19 4.35 -11.01
C VAL B 193 5.50 3.43 -10.00
N ARG B 194 6.23 2.46 -9.45
CA ARG B 194 5.69 1.61 -8.40
C ARG B 194 6.46 1.64 -7.10
N ASP B 195 7.73 2.00 -7.14
CA ASP B 195 8.64 1.79 -6.03
C ASP B 195 8.41 2.68 -4.81
N LEU B 196 7.44 3.61 -4.89
CA LEU B 196 7.13 4.52 -3.76
C LEU B 196 5.86 4.13 -3.08
N VAL B 197 5.11 3.24 -3.71
CA VAL B 197 3.84 2.76 -3.20
C VAL B 197 3.22 3.82 -2.28
N GLY B 198 2.60 4.83 -2.89
CA GLY B 198 1.73 5.72 -2.14
C GLY B 198 0.34 5.10 -1.94
N GLU B 208 -1.03 9.58 7.20
CA GLU B 208 -2.22 9.83 6.38
C GLU B 208 -2.25 8.90 5.15
N PRO B 209 -3.45 8.40 4.77
CA PRO B 209 -3.52 7.34 3.78
C PRO B 209 -3.46 7.84 2.35
N MET B 210 -3.21 6.90 1.46
CA MET B 210 -2.79 7.17 0.10
C MET B 210 -3.18 5.97 -0.74
N VAL B 211 -3.53 6.20 -2.00
CA VAL B 211 -3.96 5.11 -2.88
C VAL B 211 -2.88 4.86 -3.94
N PRO B 212 -2.63 3.58 -4.30
CA PRO B 212 -1.55 3.40 -5.27
C PRO B 212 -2.07 3.58 -6.71
N ASN B 213 -1.16 3.87 -7.63
CA ASN B 213 -1.52 4.12 -9.01
C ASN B 213 -1.57 2.85 -9.83
N TYR B 214 -1.79 1.73 -9.17
CA TYR B 214 -1.74 0.42 -9.83
C TYR B 214 -2.28 -0.65 -8.89
N GLY B 215 -2.96 -1.63 -9.47
CA GLY B 215 -3.52 -2.74 -8.71
C GLY B 215 -4.47 -3.53 -9.60
N ILE B 216 -4.83 -4.74 -9.17
CA ILE B 216 -5.82 -5.51 -9.88
C ILE B 216 -7.19 -4.96 -9.46
N ALA B 217 -8.04 -4.63 -10.43
CA ALA B 217 -9.38 -4.08 -10.12
C ALA B 217 -10.12 -4.98 -9.17
N GLY B 218 -11.24 -4.49 -8.65
CA GLY B 218 -12.03 -5.22 -7.65
C GLY B 218 -11.19 -6.06 -6.68
N ARG B 219 -10.05 -5.51 -6.23
CA ARG B 219 -9.17 -6.25 -5.35
C ARG B 219 -8.42 -5.32 -4.40
N GLY B 220 -9.18 -4.61 -3.55
CA GLY B 220 -8.60 -3.82 -2.43
C GLY B 220 -9.60 -3.48 -1.33
N LEU B 221 -9.18 -2.67 -0.37
CA LEU B 221 -10.09 -2.06 0.65
C LEU B 221 -11.39 -1.48 0.09
N ARG B 222 -12.54 -1.90 0.62
CA ARG B 222 -13.83 -1.38 0.18
C ARG B 222 -13.97 0.01 0.78
N LEU B 223 -14.40 0.97 -0.06
CA LEU B 223 -14.47 2.40 0.29
C LEU B 223 -15.75 2.79 1.02
N ARG B 224 -15.58 3.59 2.07
CA ARG B 224 -16.65 4.05 2.93
C ARG B 224 -16.79 5.57 2.81
N GLU B 225 -17.98 6.09 3.15
CA GLU B 225 -18.14 7.53 3.38
C GLU B 225 -17.09 8.00 4.39
N GLY B 226 -16.56 9.20 4.18
CA GLY B 226 -15.75 9.86 5.22
C GLY B 226 -14.26 9.58 5.21
N MET B 227 -13.86 8.51 4.51
CA MET B 227 -12.46 8.29 4.18
C MET B 227 -11.98 9.48 3.39
N VAL B 228 -10.80 9.99 3.73
CA VAL B 228 -10.14 10.98 2.86
C VAL B 228 -8.83 10.41 2.34
N LEU B 229 -8.72 10.39 1.02
CA LEU B 229 -7.62 9.75 0.34
C LEU B 229 -6.92 10.75 -0.52
N THR B 230 -5.74 10.36 -1.02
CA THR B 230 -5.01 11.20 -1.96
C THR B 230 -4.57 10.38 -3.16
N ILE B 231 -4.67 10.95 -4.35
CA ILE B 231 -4.26 10.28 -5.58
C ILE B 231 -3.05 11.01 -6.16
N GLU B 232 -1.95 10.28 -6.39
CA GLU B 232 -0.64 10.88 -6.67
C GLU B 232 0.12 10.23 -7.84
N PRO B 233 -0.51 10.10 -9.01
CA PRO B 233 0.10 9.41 -10.16
C PRO B 233 1.51 9.82 -10.54
N MET B 234 2.43 8.86 -10.67
CA MET B 234 3.78 9.16 -11.13
C MET B 234 4.05 8.41 -12.43
N ILE B 235 3.96 9.11 -13.54
CA ILE B 235 4.08 8.48 -14.84
C ILE B 235 5.36 8.89 -15.55
N ASN B 236 5.96 7.92 -16.24
CA ASN B 236 7.18 8.11 -16.99
C ASN B 236 6.93 7.79 -18.45
N THR B 237 7.79 8.40 -19.28
CA THR B 237 7.96 8.04 -20.67
C THR B 237 8.66 6.71 -20.70
N GLY B 238 7.96 5.70 -21.20
CA GLY B 238 8.49 4.36 -21.30
C GLY B 238 8.59 3.61 -19.98
N ASP B 239 9.70 3.82 -19.28
CA ASP B 239 10.11 2.89 -18.23
C ASP B 239 9.94 3.42 -16.82
N TRP B 240 9.65 2.51 -15.89
CA TRP B 240 9.11 2.84 -14.53
C TRP B 240 10.07 2.74 -13.33
N GLU B 241 11.29 2.22 -13.51
CA GLU B 241 12.21 2.01 -12.39
C GLU B 241 12.86 3.34 -11.94
N ILE B 242 13.24 3.42 -10.66
CA ILE B 242 13.55 4.70 -9.99
C ILE B 242 14.78 4.61 -9.08
N ASP B 243 15.57 5.67 -9.07
CA ASP B 243 16.74 5.75 -8.21
C ASP B 243 16.35 6.39 -6.91
N THR B 244 17.26 6.35 -5.96
CA THR B 244 17.15 7.21 -4.80
C THR B 244 18.50 7.86 -4.64
N ASP B 245 18.54 9.19 -4.75
CA ASP B 245 19.81 9.91 -4.60
C ASP B 245 20.63 9.21 -3.53
N MET B 246 21.85 8.83 -3.92
CA MET B 246 22.76 8.12 -3.02
C MET B 246 23.22 9.04 -1.88
N LYS B 247 23.44 10.32 -2.21
CA LYS B 247 24.06 11.30 -1.32
C LYS B 247 23.12 11.92 -0.28
N THR B 248 21.82 12.01 -0.57
CA THR B 248 20.85 12.58 0.36
C THR B 248 19.69 11.66 0.75
N GLY B 249 19.47 10.62 -0.03
CA GLY B 249 18.38 9.70 0.23
C GLY B 249 17.03 10.35 0.09
N TRP B 250 16.92 11.31 -0.83
CA TRP B 250 15.67 12.00 -1.07
C TRP B 250 15.33 11.96 -2.53
N ALA B 251 15.99 12.74 -3.34
CA ALA B 251 15.55 12.90 -4.73
C ALA B 251 15.43 11.57 -5.46
N HIS B 252 14.39 11.43 -6.27
CA HIS B 252 14.26 10.28 -7.16
C HIS B 252 14.27 10.67 -8.63
N LYS B 253 15.25 10.19 -9.38
CA LYS B 253 15.22 10.41 -10.83
C LYS B 253 14.71 9.13 -11.50
N THR B 254 14.23 9.22 -12.74
CA THR B 254 13.88 8.03 -13.49
C THR B 254 15.14 7.29 -13.88
N ILE B 255 15.00 6.03 -14.29
CA ILE B 255 16.18 5.18 -14.56
C ILE B 255 16.62 5.23 -16.04
N ASP B 256 15.65 5.34 -16.95
CA ASP B 256 15.92 5.35 -18.39
C ASP B 256 16.08 6.76 -18.92
N GLY B 257 16.26 7.73 -18.03
CA GLY B 257 16.39 9.14 -18.43
C GLY B 257 15.07 9.82 -18.81
N GLY B 258 13.97 9.09 -18.85
CA GLY B 258 12.69 9.65 -19.26
C GLY B 258 12.19 10.74 -18.35
N LEU B 259 11.07 11.36 -18.72
CA LEU B 259 10.47 12.39 -17.90
C LEU B 259 9.48 11.71 -17.01
N SER B 260 9.21 12.33 -15.87
CA SER B 260 8.13 11.90 -14.99
C SER B 260 7.25 13.08 -14.69
N CYS B 261 5.96 12.80 -14.67
CA CYS B 261 4.99 13.78 -14.25
C CYS B 261 4.22 13.21 -13.04
N GLN B 262 3.43 14.08 -12.41
CA GLN B 262 2.77 13.77 -11.16
C GLN B 262 1.75 14.84 -10.82
N TYR B 263 0.49 14.46 -10.73
CA TYR B 263 -0.52 15.37 -10.23
C TYR B 263 -1.12 14.70 -9.01
N GLU B 264 -1.80 15.47 -8.17
CA GLU B 264 -2.17 14.97 -6.86
C GLU B 264 -3.23 15.80 -6.17
N HIS B 265 -4.32 15.16 -5.75
CA HIS B 265 -5.40 15.79 -4.98
C HIS B 265 -5.75 14.99 -3.78
N GLN B 266 -6.67 15.54 -3.00
CA GLN B 266 -7.26 14.84 -1.88
C GLN B 266 -8.75 15.06 -1.87
N PHE B 267 -9.48 13.99 -1.60
CA PHE B 267 -10.93 13.98 -1.79
C PHE B 267 -11.63 13.26 -0.65
N VAL B 268 -12.95 13.30 -0.65
CA VAL B 268 -13.70 12.56 0.34
C VAL B 268 -14.71 11.70 -0.34
N ILE B 269 -14.78 10.43 0.06
CA ILE B 269 -15.81 9.53 -0.44
C ILE B 269 -17.13 9.97 0.18
N THR B 270 -18.18 9.88 -0.62
CA THR B 270 -19.41 10.64 -0.40
C THR B 270 -20.46 10.08 -1.33
N LYS B 271 -21.58 9.61 -0.79
CA LYS B 271 -22.80 9.46 -1.60
C LYS B 271 -22.96 10.76 -2.41
N ASP B 272 -23.28 10.66 -3.69
CA ASP B 272 -23.16 11.78 -4.65
C ASP B 272 -21.75 11.80 -5.25
N GLY B 273 -20.88 10.90 -4.79
CA GLY B 273 -19.52 10.76 -5.35
C GLY B 273 -18.44 11.60 -4.67
N PRO B 274 -17.16 11.39 -5.06
CA PRO B 274 -15.99 12.00 -4.40
C PRO B 274 -15.98 13.53 -4.51
N VAL B 275 -15.43 14.18 -3.49
CA VAL B 275 -15.38 15.62 -3.44
C VAL B 275 -13.99 16.00 -3.04
N ILE B 276 -13.46 16.95 -3.79
CA ILE B 276 -12.07 17.39 -3.69
C ILE B 276 -11.97 18.61 -2.83
N LEU B 277 -10.89 18.62 -2.07
CA LEU B 277 -10.59 19.64 -1.11
C LEU B 277 -9.52 20.53 -1.70
N THR B 278 -8.53 19.88 -2.29
CA THR B 278 -7.39 20.55 -2.91
C THR B 278 -7.66 21.08 -4.33
N SER B 279 -8.90 21.51 -4.64
CA SER B 279 -9.25 21.97 -5.99
C SER B 279 -8.86 23.43 -6.23
N GLN B 280 -8.17 23.66 -7.34
CA GLN B 280 -7.82 25.02 -7.81
C GLN B 280 -8.87 25.56 -8.81
N GLY B 281 -10.08 25.00 -8.78
CA GLY B 281 -11.20 25.52 -9.56
C GLY B 281 -11.91 24.46 -10.35
N GLU B 282 -11.89 24.62 -11.68
CA GLU B 282 -12.63 23.77 -12.56
C GLU B 282 -11.75 22.62 -13.06
N GLU B 283 -12.19 21.40 -12.79
CA GLU B 283 -11.32 20.24 -12.89
C GLU B 283 -11.03 19.80 -14.31
N GLY B 284 -9.77 19.91 -14.72
CA GLY B 284 -9.37 19.52 -16.07
C GLY B 284 -9.08 20.72 -16.93
N THR B 285 -9.26 21.89 -16.31
CA THR B 285 -9.08 23.19 -16.95
C THR B 285 -7.83 23.85 -16.40
N TYR B 286 -6.98 23.08 -15.72
CA TYR B 286 -5.69 23.57 -15.20
C TYR B 286 -4.64 22.47 -15.11
#